data_7AUO
#
_entry.id   7AUO
#
_cell.length_a   61.674
_cell.length_b   61.674
_cell.length_c   89.219
_cell.angle_alpha   90.000
_cell.angle_beta   90.000
_cell.angle_gamma   120.000
#
_symmetry.space_group_name_H-M   'P 32 2 1'
#
loop_
_entity.id
_entity.type
_entity.pdbx_description
1 polymer 'Diphosphoinositol polyphosphate phosphohydrolase DDP1'
2 non-polymer '{[(1R,3S,4S,5R,6S)-2,4,5,6-tetrakis(phosphonooxy)cyclohexane-1,3-diyl]bis[oxy(2-oxoethane-2,1-diyl)]}bis(phosphonic acid)'
#
_entity_poly.entity_id   1
_entity_poly.type   'polypeptide(L)'
_entity_poly.pdbx_seq_one_letter_code
;GGSMGKTADNHGPVRSETAREGRENQVYSPVTGARLVAGCICLTPDKKQVLMITSSAHKKRWIVPKGGVEKDEPNYETTA
QRETWEEAGCIGKIVANLGTVEDMRPPKDWNKDIKQFENSRKDSEVAKHPPRTEFHFYELEIENLLDKFPECHKRHRKLY
SYTEAKQNLIDAKRPELLEALNRSAIIKDDK
;
_entity_poly.pdbx_strand_id   A
#
# COMPACT_ATOMS: atom_id res chain seq x y z
N GLU A 24 -16.11 11.55 -3.20
CA GLU A 24 -17.11 11.01 -4.19
C GLU A 24 -17.81 9.80 -3.55
N ASN A 25 -17.20 8.62 -3.63
CA ASN A 25 -17.71 7.33 -3.08
C ASN A 25 -16.80 6.87 -1.95
N GLN A 26 -15.90 7.74 -1.48
CA GLN A 26 -14.87 7.44 -0.44
C GLN A 26 -15.55 7.43 0.94
N VAL A 27 -14.87 6.85 1.93
CA VAL A 27 -15.30 6.78 3.35
C VAL A 27 -14.20 7.38 4.23
N TYR A 28 -14.59 8.14 5.26
CA TYR A 28 -13.68 8.84 6.20
C TYR A 28 -13.97 8.40 7.65
N SER A 29 -12.94 8.43 8.50
CA SER A 29 -13.05 8.23 9.96
C SER A 29 -14.06 9.22 10.53
N PRO A 30 -15.10 8.76 11.27
CA PRO A 30 -16.06 9.68 11.89
C PRO A 30 -15.47 10.53 13.01
N VAL A 31 -14.27 10.17 13.49
CA VAL A 31 -13.53 10.87 14.58
C VAL A 31 -12.58 11.91 13.98
N THR A 32 -11.57 11.47 13.21
CA THR A 32 -10.46 12.32 12.70
C THR A 32 -10.82 12.95 11.35
N GLY A 33 -11.89 12.48 10.70
CA GLY A 33 -12.28 12.91 9.34
C GLY A 33 -11.26 12.52 8.27
N ALA A 34 -10.27 11.66 8.61
CA ALA A 34 -9.23 11.17 7.68
C ALA A 34 -9.85 10.21 6.67
N ARG A 35 -9.30 10.17 5.46
CA ARG A 35 -9.79 9.29 4.38
C ARG A 35 -9.34 7.86 4.67
N LEU A 36 -10.26 6.89 4.57
CA LEU A 36 -9.98 5.46 4.86
C LEU A 36 -9.45 4.78 3.59
N VAL A 37 -8.27 4.18 3.73
CA VAL A 37 -7.48 3.49 2.69
C VAL A 37 -7.14 2.10 3.20
N ALA A 38 -7.10 1.10 2.33
CA ALA A 38 -6.53 -0.23 2.64
C ALA A 38 -5.62 -0.66 1.49
N GLY A 39 -4.59 -1.46 1.82
CA GLY A 39 -3.52 -1.87 0.89
C GLY A 39 -2.85 -3.15 1.35
N CYS A 40 -1.86 -3.62 0.59
CA CYS A 40 -1.14 -4.90 0.85
C CYS A 40 0.37 -4.71 0.82
N ILE A 41 1.05 -5.50 1.65
CA ILE A 41 2.50 -5.81 1.63
C ILE A 41 2.64 -7.18 0.96
N CYS A 42 2.64 -7.21 -0.37
CA CYS A 42 2.65 -8.46 -1.16
C CYS A 42 4.08 -9.02 -1.15
N LEU A 43 4.31 -10.09 -0.39
CA LEU A 43 5.62 -10.76 -0.22
C LEU A 43 5.68 -11.99 -1.11
N THR A 44 6.87 -12.36 -1.59
CA THR A 44 7.15 -13.63 -2.30
C THR A 44 6.99 -14.77 -1.28
N PRO A 45 6.74 -16.03 -1.73
CA PRO A 45 6.65 -17.17 -0.81
C PRO A 45 7.82 -17.32 0.17
N ASP A 46 9.06 -17.13 -0.30
CA ASP A 46 10.30 -17.25 0.52
C ASP A 46 10.39 -16.07 1.51
N LYS A 47 9.76 -14.94 1.15
CA LYS A 47 9.63 -13.69 1.98
C LYS A 47 10.94 -12.88 1.95
N LYS A 48 11.67 -12.94 0.83
CA LYS A 48 12.92 -12.16 0.61
C LYS A 48 12.58 -10.85 -0.09
N GLN A 49 11.53 -10.84 -0.93
CA GLN A 49 11.16 -9.66 -1.76
C GLN A 49 9.72 -9.23 -1.45
N VAL A 50 9.43 -7.94 -1.68
CA VAL A 50 8.10 -7.30 -1.58
C VAL A 50 7.78 -6.64 -2.94
N LEU A 51 6.55 -6.77 -3.41
CA LEU A 51 6.09 -6.13 -4.67
C LEU A 51 5.87 -4.64 -4.43
N MET A 52 6.37 -3.78 -5.33
CA MET A 52 6.16 -2.32 -5.25
C MET A 52 5.69 -1.82 -6.61
N ILE A 53 5.02 -0.66 -6.63
CA ILE A 53 4.43 0.01 -7.81
C ILE A 53 4.80 1.49 -7.76
N THR A 54 4.65 2.20 -8.88
CA THR A 54 4.91 3.65 -9.02
C THR A 54 3.60 4.41 -8.74
N SER A 55 3.71 5.55 -8.05
CA SER A 55 2.64 6.56 -7.84
C SER A 55 2.20 7.13 -9.21
N SER A 56 0.91 7.47 -9.37
CA SER A 56 0.32 7.98 -10.63
C SER A 56 0.57 9.48 -10.77
N ALA A 57 0.50 10.23 -9.66
CA ALA A 57 0.79 11.69 -9.60
C ALA A 57 2.31 11.92 -9.70
N HIS A 58 3.08 11.29 -8.80
CA HIS A 58 4.57 11.31 -8.74
C HIS A 58 5.10 10.07 -9.45
N LYS A 59 5.43 10.17 -10.74
CA LYS A 59 5.65 8.99 -11.64
C LYS A 59 6.95 8.26 -11.32
N LYS A 60 7.82 8.85 -10.49
CA LYS A 60 9.19 8.32 -10.20
C LYS A 60 9.26 7.67 -8.80
N ARG A 61 8.22 7.84 -7.98
CA ARG A 61 8.18 7.38 -6.56
C ARG A 61 7.61 5.96 -6.50
N TRP A 62 8.35 5.02 -5.90
CA TRP A 62 7.93 3.61 -5.66
C TRP A 62 7.20 3.49 -4.30
N ILE A 63 5.92 3.12 -4.36
CA ILE A 63 5.03 2.88 -3.18
C ILE A 63 4.54 1.42 -3.24
N VAL A 64 3.56 1.09 -2.41
CA VAL A 64 2.95 -0.27 -2.34
C VAL A 64 1.47 -0.15 -2.69
N PRO A 65 0.81 -1.22 -3.17
CA PRO A 65 -0.57 -1.13 -3.61
C PRO A 65 -1.51 -0.75 -2.46
N LYS A 66 -2.32 0.28 -2.65
CA LYS A 66 -3.39 0.67 -1.69
C LYS A 66 -4.37 1.59 -2.39
N GLY A 67 -5.58 1.74 -1.83
CA GLY A 67 -6.54 2.72 -2.34
C GLY A 67 -7.65 2.97 -1.34
N GLY A 68 -8.53 3.93 -1.66
CA GLY A 68 -9.67 4.33 -0.82
C GLY A 68 -10.69 3.23 -0.69
N VAL A 69 -11.19 3.00 0.53
CA VAL A 69 -12.37 2.14 0.82
C VAL A 69 -13.59 2.78 0.15
N GLU A 70 -14.51 1.97 -0.38
CA GLU A 70 -15.79 2.41 -1.01
C GLU A 70 -16.96 1.87 -0.18
N LYS A 71 -18.10 2.56 -0.21
CA LYS A 71 -19.27 2.40 0.72
C LYS A 71 -19.70 0.91 0.81
N ASP A 72 -19.80 0.24 -0.33
CA ASP A 72 -20.34 -1.14 -0.47
C ASP A 72 -19.46 -2.14 0.28
N GLU A 73 -18.17 -1.86 0.45
CA GLU A 73 -17.13 -2.86 0.83
C GLU A 73 -17.33 -3.26 2.29
N PRO A 74 -17.48 -4.57 2.61
CA PRO A 74 -17.78 -5.02 3.97
C PRO A 74 -16.63 -4.90 4.95
N ASN A 75 -15.39 -5.11 4.48
CA ASN A 75 -14.16 -5.14 5.32
C ASN A 75 -12.97 -4.58 4.53
N TYR A 76 -11.88 -4.29 5.24
CA TYR A 76 -10.63 -3.69 4.69
C TYR A 76 -9.91 -4.71 3.81
N GLU A 77 -10.07 -6.00 4.07
CA GLU A 77 -9.46 -7.08 3.26
C GLU A 77 -9.97 -6.99 1.81
N THR A 78 -11.24 -6.62 1.63
CA THR A 78 -11.91 -6.47 0.32
C THR A 78 -11.26 -5.35 -0.48
N THR A 79 -11.14 -4.17 0.15
CA THR A 79 -10.56 -2.96 -0.46
C THR A 79 -9.10 -3.25 -0.83
N ALA A 80 -8.38 -3.94 0.05
CA ALA A 80 -6.95 -4.29 -0.10
C ALA A 80 -6.78 -5.11 -1.37
N GLN A 81 -7.46 -6.26 -1.44
CA GLN A 81 -7.25 -7.30 -2.48
C GLN A 81 -7.70 -6.74 -3.85
N ARG A 82 -8.78 -5.96 -3.86
CA ARG A 82 -9.24 -5.17 -5.04
C ARG A 82 -8.10 -4.27 -5.50
N GLU A 83 -7.64 -3.38 -4.62
CA GLU A 83 -6.65 -2.30 -4.91
C GLU A 83 -5.31 -2.92 -5.34
N THR A 84 -4.89 -3.99 -4.68
CA THR A 84 -3.69 -4.79 -5.06
C THR A 84 -3.84 -5.31 -6.50
N TRP A 85 -5.04 -5.75 -6.89
CA TRP A 85 -5.33 -6.29 -8.25
C TRP A 85 -5.31 -5.14 -9.26
N GLU A 86 -6.18 -4.14 -9.06
CA GLU A 86 -6.34 -2.96 -9.97
C GLU A 86 -4.97 -2.31 -10.20
N GLU A 87 -4.15 -2.15 -9.16
CA GLU A 87 -2.92 -1.31 -9.20
C GLU A 87 -1.68 -2.13 -9.57
N ALA A 88 -1.61 -3.42 -9.22
CA ALA A 88 -0.36 -4.21 -9.38
C ALA A 88 -0.61 -5.59 -10.05
N GLY A 89 -1.88 -5.84 -10.51
CA GLY A 89 -2.26 -7.15 -11.09
C GLY A 89 -1.63 -8.32 -10.31
N CYS A 90 -1.78 -8.27 -8.97
CA CYS A 90 -1.22 -9.25 -7.99
C CYS A 90 -2.37 -10.01 -7.34
N ILE A 91 -2.23 -11.33 -7.23
CA ILE A 91 -3.22 -12.26 -6.61
C ILE A 91 -2.48 -13.00 -5.49
N GLY A 92 -3.11 -13.13 -4.32
CA GLY A 92 -2.52 -13.86 -3.18
C GLY A 92 -3.51 -13.99 -2.04
N LYS A 93 -3.13 -14.74 -1.02
CA LYS A 93 -3.93 -14.90 0.22
C LYS A 93 -3.32 -14.01 1.31
N ILE A 94 -4.18 -13.27 2.01
CA ILE A 94 -3.86 -12.48 3.23
C ILE A 94 -3.48 -13.45 4.35
N VAL A 95 -2.22 -13.43 4.80
CA VAL A 95 -1.67 -14.37 5.81
C VAL A 95 -1.49 -13.66 7.15
N ALA A 96 -1.85 -12.37 7.24
CA ALA A 96 -1.68 -11.55 8.47
C ALA A 96 -2.35 -10.18 8.31
N ASN A 97 -2.96 -9.67 9.39
CA ASN A 97 -3.33 -8.23 9.53
C ASN A 97 -2.15 -7.47 10.15
N LEU A 98 -1.67 -6.42 9.48
CA LEU A 98 -0.49 -5.63 9.93
C LEU A 98 -0.95 -4.39 10.71
N GLY A 99 -2.26 -4.15 10.82
CA GLY A 99 -2.82 -3.02 11.57
C GLY A 99 -2.81 -1.75 10.76
N THR A 100 -3.02 -0.59 11.40
CA THR A 100 -3.09 0.72 10.72
C THR A 100 -1.86 1.60 11.00
N VAL A 101 -1.56 2.46 10.02
CA VAL A 101 -0.55 3.56 10.04
C VAL A 101 -1.27 4.82 9.54
N GLU A 102 -0.78 6.02 9.89
CA GLU A 102 -1.43 7.32 9.54
C GLU A 102 -0.49 8.13 8.64
N ASP A 103 -1.06 8.90 7.70
CA ASP A 103 -0.34 9.88 6.83
C ASP A 103 -0.43 11.26 7.51
N MET A 104 0.49 11.53 8.45
CA MET A 104 0.61 12.83 9.15
C MET A 104 1.32 13.82 8.22
N ARG A 105 0.59 14.34 7.23
CA ARG A 105 1.05 15.34 6.25
C ARG A 105 0.42 16.68 6.61
N PRO A 106 1.23 17.73 6.92
CA PRO A 106 0.68 19.04 7.21
C PRO A 106 -0.05 19.61 5.98
N PRO A 107 -1.20 20.30 6.14
CA PRO A 107 -1.91 20.88 5.01
C PRO A 107 -1.06 21.86 4.20
N LYS A 108 -1.30 21.96 2.89
CA LYS A 108 -0.51 22.79 1.93
C LYS A 108 -0.34 24.21 2.47
N ASP A 109 -1.42 24.83 2.97
CA ASP A 109 -1.37 26.15 3.68
C ASP A 109 -0.90 25.89 5.11
N TRP A 110 0.36 25.48 5.27
CA TRP A 110 1.02 25.16 6.56
C TRP A 110 1.95 26.31 6.97
N ASN A 111 2.79 26.80 6.03
CA ASN A 111 3.67 27.97 6.23
C ASN A 111 2.87 29.09 6.92
N HIS A 129 -1.54 18.22 14.36
CA HIS A 129 -2.31 18.27 13.09
C HIS A 129 -3.09 16.98 12.88
N PRO A 130 -4.38 17.05 12.47
CA PRO A 130 -5.18 15.85 12.20
C PRO A 130 -4.62 15.09 10.99
N PRO A 131 -4.64 13.74 11.01
CA PRO A 131 -4.06 12.95 9.92
C PRO A 131 -4.86 13.11 8.62
N ARG A 132 -4.20 12.88 7.49
CA ARG A 132 -4.80 13.03 6.13
C ARG A 132 -5.46 11.71 5.73
N THR A 133 -4.75 10.59 5.97
CA THR A 133 -5.12 9.22 5.55
C THR A 133 -4.84 8.24 6.70
N GLU A 134 -5.82 7.37 7.01
CA GLU A 134 -5.65 6.13 7.82
C GLU A 134 -5.58 4.94 6.84
N PHE A 135 -4.47 4.18 6.89
CA PHE A 135 -4.24 2.99 6.05
C PHE A 135 -4.39 1.72 6.89
N HIS A 136 -5.17 0.78 6.38
CA HIS A 136 -5.34 -0.59 6.92
C HIS A 136 -4.55 -1.54 6.02
N PHE A 137 -3.41 -2.02 6.51
CA PHE A 137 -2.45 -2.85 5.74
C PHE A 137 -2.58 -4.31 6.12
N TYR A 138 -2.53 -5.18 5.11
CA TYR A 138 -2.47 -6.65 5.26
C TYR A 138 -1.17 -7.15 4.62
N GLU A 139 -0.57 -8.19 5.21
CA GLU A 139 0.48 -9.00 4.54
C GLU A 139 -0.24 -9.98 3.63
N LEU A 140 0.17 -10.05 2.37
CA LEU A 140 -0.37 -10.99 1.36
C LEU A 140 0.78 -11.83 0.82
N GLU A 141 0.58 -13.14 0.68
CA GLU A 141 1.58 -14.05 0.07
C GLU A 141 1.23 -14.15 -1.41
N ILE A 142 2.14 -13.71 -2.29
CA ILE A 142 1.91 -13.64 -3.76
C ILE A 142 1.71 -15.07 -4.29
N GLU A 143 0.62 -15.30 -5.01
CA GLU A 143 0.32 -16.58 -5.69
C GLU A 143 0.54 -16.42 -7.20
N ASN A 144 0.21 -15.25 -7.77
CA ASN A 144 0.39 -14.96 -9.22
C ASN A 144 0.49 -13.45 -9.45
N LEU A 145 1.29 -13.05 -10.45
CA LEU A 145 1.32 -11.69 -11.03
C LEU A 145 0.87 -11.80 -12.49
N LEU A 146 -0.09 -10.99 -12.91
CA LEU A 146 -0.63 -11.00 -14.31
C LEU A 146 -0.03 -9.84 -15.12
N ASP A 147 0.15 -10.04 -16.42
CA ASP A 147 0.80 -9.06 -17.34
C ASP A 147 -0.16 -7.92 -17.67
N LYS A 148 -1.45 -8.26 -17.81
CA LYS A 148 -2.57 -7.28 -17.95
C LYS A 148 -3.17 -7.05 -16.56
N PHE A 149 -3.58 -5.81 -16.27
CA PHE A 149 -4.44 -5.41 -15.14
C PHE A 149 -4.86 -3.96 -15.34
N PRO A 150 -5.94 -3.49 -14.65
CA PRO A 150 -6.59 -2.22 -14.99
C PRO A 150 -5.72 -0.98 -15.11
N GLU A 151 -4.55 -0.95 -14.43
CA GLU A 151 -3.57 0.16 -14.53
C GLU A 151 -2.20 -0.40 -14.94
N CYS A 152 -2.17 -1.32 -15.90
CA CYS A 152 -0.93 -1.94 -16.43
C CYS A 152 -0.14 -0.93 -17.26
N HIS A 153 -0.82 0.09 -17.81
CA HIS A 153 -0.22 1.12 -18.71
C HIS A 153 0.13 2.40 -17.93
N LYS A 154 -0.45 2.59 -16.73
CA LYS A 154 -0.37 3.84 -15.93
C LYS A 154 0.67 3.71 -14.81
N ARG A 155 1.19 2.50 -14.54
CA ARG A 155 2.13 2.23 -13.42
C ARG A 155 3.15 1.17 -13.84
N HIS A 156 4.30 1.18 -13.19
CA HIS A 156 5.32 0.11 -13.23
C HIS A 156 5.19 -0.73 -11.95
N ARG A 157 5.83 -1.89 -11.89
CA ARG A 157 5.61 -2.91 -10.86
C ARG A 157 6.81 -3.85 -10.76
N LYS A 158 7.50 -3.88 -9.62
CA LYS A 158 8.73 -4.68 -9.43
C LYS A 158 8.82 -5.24 -8.00
N LEU A 159 9.53 -6.37 -7.86
CA LEU A 159 9.88 -7.02 -6.58
C LEU A 159 11.21 -6.46 -6.09
N TYR A 160 11.26 -6.01 -4.85
CA TYR A 160 12.47 -5.41 -4.21
C TYR A 160 12.77 -6.14 -2.90
N SER A 161 14.04 -6.42 -2.63
CA SER A 161 14.57 -6.85 -1.31
C SER A 161 14.19 -5.81 -0.25
N TYR A 162 14.19 -6.20 1.02
CA TYR A 162 13.84 -5.31 2.17
C TYR A 162 14.67 -4.01 2.11
N THR A 163 15.96 -4.10 1.79
CA THR A 163 16.90 -2.94 1.76
C THR A 163 16.45 -1.92 0.71
N GLU A 164 16.35 -2.34 -0.55
CA GLU A 164 15.99 -1.46 -1.68
C GLU A 164 14.60 -0.86 -1.44
N ALA A 165 13.72 -1.68 -0.85
CA ALA A 165 12.30 -1.35 -0.53
C ALA A 165 12.25 -0.27 0.54
N LYS A 166 13.14 -0.37 1.54
CA LYS A 166 13.24 0.66 2.61
C LYS A 166 13.67 1.99 1.98
N GLN A 167 14.73 1.98 1.16
CA GLN A 167 15.27 3.22 0.53
CA GLN A 167 15.30 3.18 0.47
C GLN A 167 14.19 3.85 -0.35
N ASN A 168 13.49 3.04 -1.13
CA ASN A 168 12.45 3.50 -2.09
C ASN A 168 11.41 4.35 -1.33
N LEU A 169 10.96 3.85 -0.17
CA LEU A 169 9.92 4.51 0.65
C LEU A 169 10.52 5.71 1.41
N ILE A 170 11.83 5.73 1.63
CA ILE A 170 12.53 6.95 2.14
C ILE A 170 12.49 7.99 1.02
N ASP A 171 13.05 7.63 -0.15
CA ASP A 171 13.01 8.46 -1.38
C ASP A 171 11.59 9.01 -1.59
N ALA A 172 10.55 8.19 -1.40
CA ALA A 172 9.13 8.55 -1.60
C ALA A 172 8.60 9.45 -0.46
N LYS A 173 9.31 9.59 0.65
CA LYS A 173 8.88 10.42 1.80
C LYS A 173 7.57 9.86 2.36
N ARG A 174 7.51 8.54 2.53
CA ARG A 174 6.29 7.79 2.96
C ARG A 174 6.68 6.85 4.10
N PRO A 175 7.02 7.38 5.28
CA PRO A 175 7.49 6.56 6.39
C PRO A 175 6.39 5.68 7.02
N GLU A 176 5.13 6.10 6.90
CA GLU A 176 3.94 5.33 7.35
C GLU A 176 3.82 4.04 6.52
N LEU A 177 4.24 4.05 5.26
CA LEU A 177 4.27 2.82 4.42
C LEU A 177 5.45 1.93 4.86
N LEU A 178 6.53 2.53 5.36
CA LEU A 178 7.74 1.79 5.82
C LEU A 178 7.41 1.14 7.16
N GLU A 179 6.71 1.86 8.03
CA GLU A 179 6.19 1.32 9.32
C GLU A 179 5.42 0.03 9.07
N ALA A 180 4.55 0.02 8.06
CA ALA A 180 3.74 -1.14 7.66
C ALA A 180 4.66 -2.26 7.19
N LEU A 181 5.57 -1.95 6.25
CA LEU A 181 6.53 -2.94 5.71
C LEU A 181 7.23 -3.66 6.87
N ASN A 182 7.63 -2.91 7.90
CA ASN A 182 8.45 -3.40 9.04
C ASN A 182 7.62 -4.37 9.90
N ARG A 183 6.29 -4.16 9.99
CA ARG A 183 5.36 -5.05 10.73
C ARG A 183 5.17 -6.38 9.98
N SER A 184 5.62 -6.48 8.73
CA SER A 184 5.48 -7.70 7.88
C SER A 184 6.43 -8.80 8.36
N ALA A 185 6.42 -9.93 7.66
CA ALA A 185 7.26 -11.13 7.93
C ALA A 185 8.43 -11.13 6.96
N ILE A 186 8.68 -10.01 6.28
CA ILE A 186 9.80 -9.88 5.30
C ILE A 186 11.11 -10.18 6.04
N ILE A 187 12.01 -10.92 5.41
CA ILE A 187 13.38 -11.21 5.94
C ILE A 187 14.21 -9.94 5.77
N LYS A 188 15.02 -9.61 6.77
CA LYS A 188 15.79 -8.34 6.86
C LYS A 188 17.28 -8.67 6.67
N ASP A 189 17.66 -8.99 5.43
CA ASP A 189 19.04 -9.40 5.04
C ASP A 189 19.15 -9.33 3.51
#